data_8SDX
#
_entry.id   8SDX
#
_cell.length_a   47.687
_cell.length_b   79.629
_cell.length_c   64.348
_cell.angle_alpha   90.000
_cell.angle_beta   105.141
_cell.angle_gamma   90.000
#
_symmetry.space_group_name_H-M   'P 1 21 1'
#
loop_
_entity.id
_entity.type
_entity.pdbx_description
1 polymer 'ATPase family AAA domain-containing protein 2B'
2 polymer 'histone H4S1CK5ac'
3 non-polymer 'SULFATE ION'
4 water water
#
loop_
_entity_poly.entity_id
_entity_poly.type
_entity_poly.pdbx_seq_one_letter_code
_entity_poly.pdbx_strand_id
1 'polypeptide(L)'
;GPLEDQEENTLRELRLFLRDVTKRLATDKRFNIFSKPVDIEEVSDYLEVIKEPMDLSTVITKIDKHNYLTAKDFLKDIDL
ICSNALEYNPDKDPGDKIIRHRACTLKDTAHAIIAAELDPEFNKLCEEIKEARIKR
;
A,B
2 'polypeptide(L)' CGRG(ALY)GGKGLGKGGA C,D
#
loop_
_chem_comp.id
_chem_comp.type
_chem_comp.name
_chem_comp.formula
SO4 non-polymer 'SULFATE ION' 'O4 S -2'
#
# COMPACT_ATOMS: atom_id res chain seq x y z
N PRO A 2 5.42 28.30 2.44
CA PRO A 2 5.28 29.14 1.25
C PRO A 2 5.56 28.35 -0.02
N LEU A 3 6.78 28.51 -0.54
CA LEU A 3 7.22 27.71 -1.67
C LEU A 3 7.33 26.23 -1.29
N GLU A 4 8.00 25.94 -0.17
CA GLU A 4 8.16 24.57 0.32
C GLU A 4 6.81 23.88 0.50
N ASP A 5 5.80 24.71 0.56
CA ASP A 5 4.43 24.29 0.66
C ASP A 5 4.04 23.65 -0.63
N GLN A 6 3.87 24.50 -1.65
CA GLN A 6 3.49 24.12 -3.00
C GLN A 6 4.31 22.95 -3.46
N GLU A 7 5.59 22.95 -3.11
CA GLU A 7 6.46 21.85 -3.46
C GLU A 7 5.88 20.52 -2.98
N GLU A 8 5.60 20.43 -1.67
CA GLU A 8 5.18 19.14 -1.14
CA GLU A 8 5.14 19.17 -1.07
C GLU A 8 3.79 18.73 -1.64
N ASN A 9 2.94 19.69 -2.04
CA ASN A 9 1.71 19.31 -2.70
CA ASN A 9 1.71 19.33 -2.72
C ASN A 9 1.98 18.60 -4.03
N THR A 10 2.99 19.06 -4.77
CA THR A 10 3.35 18.42 -6.03
C THR A 10 3.94 17.03 -5.77
N LEU A 11 4.77 16.90 -4.74
CA LEU A 11 5.39 15.62 -4.42
C LEU A 11 4.35 14.60 -3.98
N ARG A 12 3.53 14.95 -2.99
CA ARG A 12 2.41 14.14 -2.55
C ARG A 12 1.62 13.57 -3.71
N GLU A 13 1.50 14.35 -4.79
CA GLU A 13 0.71 13.91 -5.91
C GLU A 13 1.41 12.82 -6.70
N LEU A 14 2.69 13.05 -7.06
CA LEU A 14 3.51 11.99 -7.64
C LEU A 14 3.51 10.78 -6.74
N ARG A 15 3.76 11.00 -5.47
CA ARG A 15 3.87 9.91 -4.53
C ARG A 15 2.59 9.09 -4.53
N LEU A 16 1.45 9.74 -4.75
CA LEU A 16 0.20 9.01 -4.88
C LEU A 16 0.19 8.15 -6.14
N PHE A 17 0.51 8.74 -7.28
CA PHE A 17 0.61 8.00 -8.53
C PHE A 17 1.53 6.79 -8.39
N LEU A 18 2.69 6.97 -7.78
CA LEU A 18 3.65 5.88 -7.64
C LEU A 18 3.07 4.70 -6.88
N ARG A 19 2.23 4.96 -5.88
CA ARG A 19 1.55 3.86 -5.21
C ARG A 19 0.66 3.10 -6.18
N ASP A 20 0.01 3.81 -7.10
CA ASP A 20 -0.97 3.14 -7.96
C ASP A 20 -0.28 2.27 -9.00
N VAL A 21 0.81 2.77 -9.58
CA VAL A 21 1.63 1.94 -10.46
C VAL A 21 2.17 0.74 -9.71
N THR A 22 2.66 0.97 -8.51
CA THR A 22 3.26 -0.14 -7.81
C THR A 22 2.22 -1.17 -7.39
N LYS A 23 0.98 -0.73 -7.09
CA LYS A 23 -0.10 -1.71 -6.86
C LYS A 23 -0.44 -2.48 -8.12
N ARG A 24 -0.45 -1.80 -9.28
CA ARG A 24 -0.76 -2.49 -10.53
C ARG A 24 0.27 -3.57 -10.85
N LEU A 25 1.56 -3.21 -10.79
CA LEU A 25 2.61 -4.19 -11.06
C LEU A 25 2.55 -5.35 -10.07
N ALA A 26 2.17 -5.08 -8.82
CA ALA A 26 2.27 -6.12 -7.80
C ALA A 26 1.09 -7.09 -7.86
N THR A 27 -0.08 -6.66 -8.35
CA THR A 27 -1.17 -7.59 -8.55
C THR A 27 -0.95 -8.53 -9.72
N ASP A 28 -0.12 -8.13 -10.69
CA ASP A 28 0.01 -8.89 -11.91
C ASP A 28 0.57 -10.28 -11.61
N LYS A 29 -0.16 -11.31 -12.07
CA LYS A 29 0.23 -12.69 -11.84
C LYS A 29 1.71 -12.85 -12.14
N ARG A 30 2.14 -12.28 -13.27
CA ARG A 30 3.46 -12.57 -13.78
C ARG A 30 4.53 -12.05 -12.84
N PHE A 31 4.32 -10.84 -12.32
CA PHE A 31 5.33 -10.18 -11.51
C PHE A 31 5.37 -10.67 -10.08
N ASN A 32 4.68 -11.77 -9.79
CA ASN A 32 4.58 -12.23 -8.41
C ASN A 32 5.94 -12.54 -7.81
N ILE A 33 6.85 -13.13 -8.58
CA ILE A 33 8.14 -13.53 -8.01
C ILE A 33 8.94 -12.32 -7.58
N PHE A 34 8.66 -11.17 -8.18
CA PHE A 34 9.30 -9.91 -7.88
C PHE A 34 8.59 -9.10 -6.75
N SER A 35 7.53 -9.63 -6.15
CA SER A 35 6.81 -8.83 -5.17
C SER A 35 7.35 -9.00 -3.75
N LYS A 36 8.13 -10.04 -3.51
CA LYS A 36 8.78 -10.32 -2.25
C LYS A 36 10.26 -10.04 -2.43
N PRO A 37 11.02 -9.87 -1.36
CA PRO A 37 12.48 -9.95 -1.49
C PRO A 37 12.86 -11.39 -1.72
N VAL A 38 13.92 -11.59 -2.52
CA VAL A 38 14.40 -12.93 -2.76
C VAL A 38 14.75 -13.60 -1.43
N ASP A 39 14.40 -14.87 -1.30
CA ASP A 39 14.68 -15.62 -0.08
C ASP A 39 16.12 -16.15 -0.13
N ILE A 40 16.69 -16.41 1.05
CA ILE A 40 17.96 -17.12 1.08
C ILE A 40 17.73 -18.48 1.74
N GLU A 41 16.84 -19.25 1.16
CA GLU A 41 16.59 -20.57 1.67
C GLU A 41 16.74 -21.32 0.38
N GLU A 42 15.87 -20.99 -0.55
CA GLU A 42 15.97 -21.63 -1.84
C GLU A 42 17.27 -21.14 -2.43
N VAL A 43 17.46 -19.82 -2.42
CA VAL A 43 18.64 -19.24 -2.99
C VAL A 43 19.76 -18.95 -2.01
N SER A 44 20.71 -19.85 -1.90
CA SER A 44 21.80 -19.69 -0.96
C SER A 44 22.91 -18.79 -1.48
N ASP A 45 22.74 -18.18 -2.65
CA ASP A 45 23.79 -17.34 -3.12
C ASP A 45 23.31 -16.10 -3.77
N TYR A 46 22.13 -15.61 -3.46
CA TYR A 46 21.72 -14.37 -4.10
C TYR A 46 22.66 -13.24 -3.74
N LEU A 47 23.05 -13.16 -2.46
CA LEU A 47 23.74 -11.97 -1.95
C LEU A 47 25.20 -11.94 -2.37
N GLU A 48 25.79 -13.10 -2.60
CA GLU A 48 27.14 -13.15 -3.16
C GLU A 48 27.15 -12.80 -4.64
N VAL A 49 26.00 -12.89 -5.31
CA VAL A 49 25.94 -12.62 -6.75
C VAL A 49 25.38 -11.22 -7.01
N ILE A 50 24.45 -10.78 -6.16
CA ILE A 50 23.71 -9.52 -6.30
C ILE A 50 24.10 -8.61 -5.15
N LYS A 51 24.63 -7.44 -5.46
CA LYS A 51 25.13 -6.52 -4.45
C LYS A 51 24.12 -5.45 -4.08
N GLU A 52 22.92 -5.51 -4.67
CA GLU A 52 21.88 -4.50 -4.43
C GLU A 52 20.50 -5.12 -4.71
N PRO A 53 20.02 -5.96 -3.80
CA PRO A 53 18.72 -6.61 -3.97
C PRO A 53 17.61 -5.58 -4.03
N MET A 54 16.53 -5.96 -4.69
CA MET A 54 15.39 -5.06 -4.75
C MET A 54 14.16 -5.91 -5.02
N ASP A 55 13.00 -5.34 -4.68
CA ASP A 55 11.73 -6.00 -4.95
C ASP A 55 10.63 -4.97 -4.85
N LEU A 56 9.42 -5.40 -5.21
CA LEU A 56 8.29 -4.48 -5.31
C LEU A 56 7.77 -4.06 -3.95
N SER A 57 7.87 -4.92 -2.94
CA SER A 57 7.40 -4.48 -1.63
C SER A 57 8.37 -3.49 -1.00
N THR A 58 9.68 -3.65 -1.25
CA THR A 58 10.62 -2.61 -0.81
C THR A 58 10.34 -1.29 -1.51
N VAL A 59 9.90 -1.35 -2.77
CA VAL A 59 9.58 -0.12 -3.46
C VAL A 59 8.41 0.57 -2.78
N ILE A 60 7.34 -0.19 -2.51
CA ILE A 60 6.17 0.30 -1.78
C ILE A 60 6.58 1.11 -0.55
N THR A 61 7.42 0.52 0.29
CA THR A 61 7.82 1.20 1.50
C THR A 61 8.63 2.46 1.18
N LYS A 62 9.59 2.36 0.25
CA LYS A 62 10.38 3.53 -0.14
C LYS A 62 9.47 4.67 -0.62
N ILE A 63 8.36 4.37 -1.29
CA ILE A 63 7.43 5.43 -1.63
C ILE A 63 6.96 6.11 -0.36
N ASP A 64 6.55 5.32 0.62
CA ASP A 64 6.04 5.92 1.85
C ASP A 64 7.17 6.58 2.65
N LYS A 65 8.42 6.20 2.37
CA LYS A 65 9.56 6.82 3.03
C LYS A 65 10.01 8.14 2.36
N HIS A 66 9.30 8.60 1.30
CA HIS A 66 9.62 9.89 0.64
C HIS A 66 11.00 9.89 -0.02
N ASN A 67 11.35 8.72 -0.60
CA ASN A 67 12.60 8.46 -1.30
C ASN A 67 12.54 8.78 -2.77
N TYR A 68 11.36 8.71 -3.37
CA TYR A 68 11.20 8.92 -4.80
C TYR A 68 10.71 10.34 -5.03
N LEU A 69 11.61 11.20 -5.48
CA LEU A 69 11.31 12.58 -5.83
C LEU A 69 10.90 12.74 -7.28
N THR A 70 11.24 11.78 -8.13
CA THR A 70 10.88 11.86 -9.54
C THR A 70 10.34 10.49 -9.91
N ALA A 71 9.55 10.46 -10.99
CA ALA A 71 9.22 9.16 -11.56
C ALA A 71 10.49 8.45 -11.99
N LYS A 72 11.47 9.21 -12.53
CA LYS A 72 12.71 8.62 -12.99
C LYS A 72 13.39 7.88 -11.84
N ASP A 73 13.33 8.46 -10.63
CA ASP A 73 13.92 7.82 -9.46
C ASP A 73 13.26 6.47 -9.19
N PHE A 74 11.93 6.43 -9.27
CA PHE A 74 11.18 5.19 -9.04
C PHE A 74 11.50 4.16 -10.11
N LEU A 75 11.57 4.60 -11.37
CA LEU A 75 12.01 3.69 -12.42
C LEU A 75 13.45 3.20 -12.21
N LYS A 76 14.34 4.04 -11.66
CA LYS A 76 15.66 3.55 -11.28
C LYS A 76 15.58 2.27 -10.45
N ASP A 77 14.55 2.12 -9.63
CA ASP A 77 14.46 0.90 -8.84
C ASP A 77 13.70 -0.21 -9.55
N ILE A 78 12.70 0.13 -10.38
CA ILE A 78 12.10 -0.93 -11.19
C ILE A 78 13.14 -1.48 -12.14
N ASP A 79 14.04 -0.61 -12.61
CA ASP A 79 15.13 -1.05 -13.47
C ASP A 79 16.06 -2.00 -12.73
N LEU A 80 16.28 -1.75 -11.45
CA LEU A 80 17.17 -2.63 -10.70
C LEU A 80 16.55 -4.02 -10.47
N ILE A 81 15.22 -4.10 -10.26
CA ILE A 81 14.55 -5.40 -10.36
C ILE A 81 14.97 -6.17 -11.60
N CYS A 82 14.83 -5.57 -12.77
CA CYS A 82 15.08 -6.34 -13.99
C CYS A 82 16.56 -6.74 -14.09
N SER A 83 17.48 -5.78 -13.95
CA SER A 83 18.89 -6.15 -14.12
C SER A 83 19.30 -7.20 -13.10
N ASN A 84 18.72 -7.17 -11.88
CA ASN A 84 19.06 -8.17 -10.88
C ASN A 84 18.72 -9.58 -11.37
N ALA A 85 17.53 -9.75 -11.95
CA ALA A 85 17.14 -11.05 -12.48
C ALA A 85 18.09 -11.52 -13.58
N LEU A 86 18.35 -10.66 -14.57
CA LEU A 86 19.21 -11.05 -15.69
C LEU A 86 20.63 -11.33 -15.22
N GLU A 87 21.07 -10.64 -14.17
CA GLU A 87 22.40 -10.88 -13.64
C GLU A 87 22.45 -12.15 -12.81
N TYR A 88 21.32 -12.57 -12.24
CA TYR A 88 21.34 -13.77 -11.42
C TYR A 88 21.02 -15.05 -12.21
N ASN A 89 20.00 -15.03 -13.09
CA ASN A 89 19.50 -16.33 -13.56
C ASN A 89 20.09 -16.69 -14.91
N PRO A 90 20.47 -17.94 -15.09
CA PRO A 90 20.98 -18.41 -16.36
C PRO A 90 19.84 -18.56 -17.31
N ASP A 91 20.05 -18.41 -18.60
CA ASP A 91 18.91 -18.54 -19.48
C ASP A 91 18.95 -19.71 -20.41
N LYS A 92 19.10 -20.89 -19.85
CA LYS A 92 19.11 -22.09 -20.65
C LYS A 92 17.89 -22.87 -20.29
N ASP A 93 17.66 -23.04 -19.00
CA ASP A 93 16.50 -23.77 -18.52
C ASP A 93 15.22 -22.99 -18.76
N PRO A 94 14.13 -23.70 -19.10
CA PRO A 94 12.84 -22.98 -19.20
C PRO A 94 12.50 -22.25 -17.92
N GLY A 95 12.55 -22.94 -16.78
CA GLY A 95 12.35 -22.27 -15.51
C GLY A 95 13.14 -20.98 -15.37
N ASP A 96 14.42 -21.03 -15.66
CA ASP A 96 15.23 -19.85 -15.59
C ASP A 96 14.73 -18.82 -16.55
N LYS A 97 14.37 -19.23 -17.74
CA LYS A 97 13.93 -18.29 -18.73
C LYS A 97 12.67 -17.51 -18.43
N ILE A 98 11.66 -18.13 -17.82
CA ILE A 98 10.43 -17.40 -17.50
C ILE A 98 10.74 -16.17 -16.67
N ILE A 99 11.48 -16.39 -15.58
CA ILE A 99 11.83 -15.28 -14.68
C ILE A 99 12.43 -14.14 -15.47
N ARG A 100 13.49 -14.47 -16.23
CA ARG A 100 14.10 -13.58 -17.20
C ARG A 100 13.08 -12.82 -18.03
N HIS A 101 12.12 -13.55 -18.63
CA HIS A 101 11.06 -12.91 -19.40
C HIS A 101 10.31 -11.88 -18.56
N ARG A 102 9.84 -12.30 -17.37
CA ARG A 102 8.99 -11.43 -16.57
C ARG A 102 9.74 -10.16 -16.16
N ALA A 103 11.04 -10.29 -15.86
CA ALA A 103 11.84 -9.12 -15.51
C ALA A 103 11.88 -8.10 -16.65
N CYS A 104 12.21 -8.52 -17.87
CA CYS A 104 12.06 -7.57 -18.96
C CYS A 104 10.64 -7.05 -19.04
N THR A 105 9.64 -7.91 -18.83
CA THR A 105 8.27 -7.46 -19.01
C THR A 105 7.87 -6.46 -17.94
N LEU A 106 8.16 -6.80 -16.68
CA LEU A 106 7.98 -5.86 -15.57
C LEU A 106 8.51 -4.48 -15.93
N LYS A 107 9.79 -4.42 -16.29
CA LYS A 107 10.45 -3.17 -16.69
C LYS A 107 9.67 -2.46 -17.80
N ASP A 108 9.41 -3.16 -18.90
CA ASP A 108 8.68 -2.52 -20.00
C ASP A 108 7.30 -2.05 -19.56
N THR A 109 6.58 -2.89 -18.80
CA THR A 109 5.28 -2.48 -18.30
C THR A 109 5.36 -1.20 -17.48
N ALA A 110 6.27 -1.18 -16.50
CA ALA A 110 6.43 -0.01 -15.66
C ALA A 110 6.69 1.25 -16.49
N HIS A 111 7.65 1.19 -17.40
CA HIS A 111 8.00 2.35 -18.20
C HIS A 111 6.83 2.83 -19.05
N ALA A 112 6.11 1.89 -19.67
CA ALA A 112 5.01 2.27 -20.55
C ALA A 112 3.93 3.00 -19.77
N ILE A 113 3.60 2.47 -18.59
CA ILE A 113 2.67 3.14 -17.68
C ILE A 113 3.18 4.54 -17.38
N ILE A 114 4.40 4.64 -16.86
CA ILE A 114 4.98 5.95 -16.55
C ILE A 114 4.98 6.82 -17.80
N ALA A 115 5.25 6.22 -18.96
CA ALA A 115 5.35 7.03 -20.17
C ALA A 115 3.99 7.57 -20.59
N ALA A 116 2.91 6.87 -20.24
CA ALA A 116 1.60 7.13 -20.80
C ALA A 116 0.65 7.87 -19.88
N GLU A 117 0.80 7.73 -18.57
CA GLU A 117 -0.14 8.33 -17.65
C GLU A 117 0.34 9.68 -17.09
N LEU A 118 1.62 9.96 -17.19
CA LEU A 118 2.23 11.04 -16.41
C LEU A 118 2.60 12.19 -17.33
N ASP A 119 2.21 13.38 -16.95
CA ASP A 119 2.33 14.51 -17.84
C ASP A 119 3.79 14.94 -17.96
N PRO A 120 4.33 15.06 -19.18
CA PRO A 120 5.71 15.55 -19.33
C PRO A 120 6.00 16.82 -18.56
N GLU A 121 5.10 17.81 -18.65
CA GLU A 121 5.23 19.03 -17.86
C GLU A 121 5.30 18.68 -16.37
N PHE A 122 4.71 17.57 -15.96
CA PHE A 122 4.65 17.27 -14.54
C PHE A 122 5.97 16.70 -14.02
N ASN A 123 6.61 15.77 -14.76
CA ASN A 123 8.00 15.43 -14.48
C ASN A 123 8.87 16.66 -14.32
N LYS A 124 8.89 17.56 -15.31
CA LYS A 124 9.79 18.71 -15.24
C LYS A 124 9.66 19.41 -13.91
N LEU A 125 8.42 19.57 -13.42
CA LEU A 125 8.22 20.17 -12.11
C LEU A 125 8.87 19.35 -11.01
N CYS A 126 8.70 18.03 -11.05
CA CYS A 126 9.29 17.20 -10.00
C CYS A 126 10.80 17.35 -9.99
N GLU A 127 11.43 17.27 -11.16
CA GLU A 127 12.87 17.31 -11.21
C GLU A 127 13.40 18.66 -10.74
N GLU A 128 12.67 19.74 -11.07
CA GLU A 128 13.07 21.06 -10.59
C GLU A 128 12.93 21.16 -9.07
N ILE A 129 12.04 20.34 -8.49
CA ILE A 129 11.92 20.29 -7.03
C ILE A 129 13.01 19.40 -6.44
N LYS A 130 13.38 18.33 -7.14
CA LYS A 130 14.43 17.46 -6.62
C LYS A 130 15.75 18.21 -6.57
N GLU A 131 16.05 18.99 -7.62
CA GLU A 131 17.30 19.70 -7.63
C GLU A 131 17.30 20.80 -6.58
N ALA A 132 16.14 21.34 -6.25
CA ALA A 132 16.06 22.33 -5.17
C ALA A 132 16.37 21.70 -3.82
N ARG A 133 15.63 20.66 -3.45
CA ARG A 133 15.79 20.01 -2.14
C ARG A 133 17.18 19.41 -1.94
N ILE A 134 17.94 19.17 -3.01
CA ILE A 134 19.26 18.57 -2.86
C ILE A 134 20.28 19.70 -2.78
N LYS A 135 19.85 20.86 -2.27
CA LYS A 135 20.72 22.03 -2.13
C LYS A 135 20.60 22.73 -0.77
N ARG A 136 19.71 23.71 -0.67
CA ARG A 136 19.62 24.64 0.47
C ARG A 136 19.03 24.11 1.77
N PRO B 2 10.08 26.57 11.17
CA PRO B 2 9.79 25.16 10.88
C PRO B 2 9.89 24.23 12.10
N LEU B 3 9.25 24.62 13.20
CA LEU B 3 9.30 23.81 14.42
C LEU B 3 8.52 22.51 14.25
N GLU B 4 7.29 22.59 13.73
CA GLU B 4 6.38 21.46 13.63
C GLU B 4 6.52 20.69 12.33
N ASP B 5 7.66 20.77 11.68
CA ASP B 5 7.90 19.78 10.66
C ASP B 5 8.24 18.43 11.27
N GLN B 6 8.60 18.43 12.55
CA GLN B 6 8.64 17.20 13.33
C GLN B 6 7.29 16.51 13.33
N GLU B 7 6.22 17.28 13.53
CA GLU B 7 4.88 16.71 13.48
C GLU B 7 4.64 15.98 12.18
N GLU B 8 4.92 16.64 11.06
CA GLU B 8 4.59 16.09 9.75
C GLU B 8 5.30 14.77 9.49
N ASN B 9 6.45 14.58 10.15
CA ASN B 9 7.28 13.40 9.96
C ASN B 9 6.76 12.19 10.72
N THR B 10 6.26 12.40 11.94
CA THR B 10 5.64 11.30 12.66
C THR B 10 4.34 10.88 11.99
N LEU B 11 3.57 11.83 11.46
CA LEU B 11 2.37 11.48 10.71
C LEU B 11 2.72 10.69 9.46
N ARG B 12 3.85 11.02 8.84
CA ARG B 12 4.37 10.21 7.74
C ARG B 12 4.59 8.78 8.18
N GLU B 13 5.11 8.58 9.40
CA GLU B 13 5.41 7.24 9.89
C GLU B 13 4.14 6.47 10.15
N LEU B 14 3.18 7.11 10.82
CA LEU B 14 1.87 6.53 11.03
C LEU B 14 1.25 6.08 9.71
N ARG B 15 1.17 6.99 8.74
CA ARG B 15 0.63 6.64 7.43
C ARG B 15 1.44 5.55 6.75
N LEU B 16 2.73 5.44 7.04
CA LEU B 16 3.48 4.35 6.49
C LEU B 16 3.08 3.03 7.14
N PHE B 17 2.85 3.07 8.45
CA PHE B 17 2.41 1.87 9.16
C PHE B 17 0.98 1.53 8.81
N LEU B 18 0.10 2.54 8.78
CA LEU B 18 -1.30 2.25 8.49
C LEU B 18 -1.46 1.64 7.10
N ARG B 19 -0.61 2.03 6.15
CA ARG B 19 -0.76 1.47 4.82
C ARG B 19 -0.34 0.00 4.79
N ASP B 20 0.82 -0.31 5.39
CA ASP B 20 1.24 -1.71 5.54
C ASP B 20 0.19 -2.56 6.26
N VAL B 21 -0.58 -1.95 7.17
CA VAL B 21 -1.64 -2.70 7.83
C VAL B 21 -2.77 -3.02 6.88
N THR B 22 -3.22 -2.04 6.09
CA THR B 22 -4.30 -2.38 5.17
C THR B 22 -3.82 -3.27 4.03
N LYS B 23 -2.53 -3.23 3.69
CA LYS B 23 -1.98 -4.19 2.73
C LYS B 23 -2.27 -5.61 3.19
N ARG B 24 -1.84 -5.94 4.42
CA ARG B 24 -2.08 -7.27 4.98
C ARG B 24 -3.57 -7.61 5.01
N LEU B 25 -4.40 -6.72 5.55
CA LEU B 25 -5.82 -7.02 5.67
C LEU B 25 -6.42 -7.42 4.32
N ALA B 26 -5.99 -6.77 3.24
CA ALA B 26 -6.51 -7.07 1.93
C ALA B 26 -5.85 -8.30 1.28
N THR B 27 -4.65 -8.69 1.72
CA THR B 27 -4.10 -9.95 1.21
C THR B 27 -4.77 -11.18 1.81
N ASP B 28 -5.75 -11.01 2.68
CA ASP B 28 -6.47 -12.13 3.28
C ASP B 28 -7.71 -12.44 2.46
N LYS B 29 -7.82 -13.69 1.98
CA LYS B 29 -9.02 -14.09 1.25
C LYS B 29 -10.26 -13.79 2.07
N ARG B 30 -10.20 -14.08 3.37
CA ARG B 30 -11.36 -13.93 4.24
C ARG B 30 -11.97 -12.55 4.07
N PHE B 31 -11.15 -11.51 4.14
CA PHE B 31 -11.67 -10.15 4.19
C PHE B 31 -11.98 -9.58 2.81
N ASN B 32 -11.95 -10.38 1.75
CA ASN B 32 -12.13 -9.80 0.42
C ASN B 32 -13.48 -9.15 0.27
N ILE B 33 -14.46 -9.64 1.02
CA ILE B 33 -15.84 -9.19 0.93
C ILE B 33 -15.99 -7.86 1.65
N PHE B 34 -14.89 -7.34 2.18
CA PHE B 34 -14.88 -6.06 2.86
C PHE B 34 -14.03 -5.02 2.16
N SER B 35 -13.50 -5.33 0.98
CA SER B 35 -12.52 -4.46 0.34
C SER B 35 -13.20 -3.26 -0.29
N LYS B 36 -14.10 -3.52 -1.22
CA LYS B 36 -14.88 -2.49 -1.87
C LYS B 36 -16.16 -2.26 -1.10
N PRO B 37 -16.86 -1.16 -1.37
CA PRO B 37 -18.12 -0.89 -0.66
C PRO B 37 -19.19 -1.92 -0.98
N VAL B 38 -20.18 -1.98 -0.09
CA VAL B 38 -21.37 -2.76 -0.40
C VAL B 38 -22.03 -2.13 -1.60
N ASP B 39 -22.31 -2.95 -2.61
CA ASP B 39 -22.95 -2.47 -3.83
C ASP B 39 -24.41 -2.15 -3.55
N ILE B 40 -24.75 -0.85 -3.57
CA ILE B 40 -26.12 -0.42 -3.27
C ILE B 40 -27.12 -1.11 -4.18
N GLU B 41 -26.70 -1.51 -5.39
CA GLU B 41 -27.69 -2.02 -6.32
C GLU B 41 -28.02 -3.47 -5.96
N GLU B 42 -27.00 -4.34 -5.99
CA GLU B 42 -27.17 -5.76 -5.70
C GLU B 42 -27.74 -6.01 -4.30
N VAL B 43 -27.70 -5.02 -3.43
CA VAL B 43 -28.30 -5.14 -2.10
C VAL B 43 -29.22 -3.92 -1.97
N SER B 44 -30.50 -4.15 -2.30
CA SER B 44 -31.52 -3.11 -2.30
C SER B 44 -31.76 -2.25 -1.05
N ASP B 45 -31.36 -2.71 0.13
CA ASP B 45 -31.64 -1.90 1.31
C ASP B 45 -30.47 -1.34 2.08
N TYR B 46 -29.26 -1.57 1.60
CA TYR B 46 -28.10 -1.20 2.42
C TYR B 46 -28.04 0.31 2.60
N LEU B 47 -28.50 1.05 1.59
CA LEU B 47 -28.71 2.50 1.64
C LEU B 47 -29.14 2.95 3.02
N GLU B 48 -30.30 2.49 3.48
CA GLU B 48 -30.97 3.10 4.63
C GLU B 48 -30.99 2.22 5.89
N VAL B 49 -30.47 0.99 5.84
CA VAL B 49 -30.28 0.25 7.08
C VAL B 49 -29.01 0.70 7.77
N ILE B 50 -27.94 0.79 7.00
CA ILE B 50 -26.65 1.31 7.45
C ILE B 50 -26.57 2.76 7.08
N LYS B 51 -26.14 3.56 8.01
CA LYS B 51 -26.31 4.95 7.74
C LYS B 51 -25.01 5.73 7.75
N GLU B 52 -23.90 5.09 8.13
CA GLU B 52 -22.57 5.49 7.65
C GLU B 52 -21.70 4.31 7.21
N PRO B 53 -21.72 3.99 5.91
CA PRO B 53 -20.98 2.82 5.40
C PRO B 53 -19.48 2.99 5.47
N MET B 54 -18.78 1.85 5.42
CA MET B 54 -17.32 1.84 5.45
C MET B 54 -16.83 0.51 4.87
N ASP B 55 -15.62 0.56 4.30
CA ASP B 55 -14.99 -0.58 3.65
C ASP B 55 -13.50 -0.28 3.59
N LEU B 56 -12.73 -1.29 3.20
CA LEU B 56 -11.27 -1.14 3.22
C LEU B 56 -10.79 -0.18 2.14
N SER B 57 -11.38 -0.21 0.94
CA SER B 57 -10.91 0.71 -0.09
C SER B 57 -11.08 2.15 0.36
N THR B 58 -12.16 2.43 1.10
CA THR B 58 -12.40 3.77 1.60
C THR B 58 -11.36 4.15 2.64
N VAL B 59 -11.03 3.23 3.55
CA VAL B 59 -9.95 3.49 4.50
C VAL B 59 -8.69 3.91 3.77
N ILE B 60 -8.25 3.10 2.78
CA ILE B 60 -7.07 3.43 1.96
C ILE B 60 -7.10 4.88 1.53
N THR B 61 -8.23 5.31 0.94
CA THR B 61 -8.33 6.71 0.52
C THR B 61 -8.32 7.67 1.70
N LYS B 62 -8.90 7.27 2.84
CA LYS B 62 -8.83 8.15 4.01
C LYS B 62 -7.38 8.29 4.51
N ILE B 63 -6.54 7.25 4.39
CA ILE B 63 -5.11 7.44 4.69
C ILE B 63 -4.51 8.46 3.73
N ASP B 64 -4.70 8.24 2.44
CA ASP B 64 -4.17 9.17 1.45
C ASP B 64 -4.71 10.57 1.69
N LYS B 65 -5.95 10.67 2.18
CA LYS B 65 -6.55 11.97 2.51
C LYS B 65 -5.95 12.60 3.78
N HIS B 66 -5.06 11.90 4.50
CA HIS B 66 -4.46 12.45 5.72
C HIS B 66 -5.51 12.66 6.81
N ASN B 67 -6.46 11.74 6.88
CA ASN B 67 -7.60 11.84 7.80
C ASN B 67 -7.28 11.22 9.15
N TYR B 68 -6.51 10.14 9.21
CA TYR B 68 -6.21 9.46 10.46
C TYR B 68 -4.92 10.03 11.03
N LEU B 69 -5.03 10.74 12.15
CA LEU B 69 -3.85 11.26 12.81
C LEU B 69 -3.39 10.37 13.96
N THR B 70 -4.15 9.35 14.31
CA THR B 70 -3.67 8.36 15.26
C THR B 70 -4.08 7.00 14.76
N ALA B 71 -3.38 5.99 15.24
CA ALA B 71 -3.81 4.64 14.94
C ALA B 71 -5.21 4.39 15.46
N LYS B 72 -5.53 4.92 16.66
CA LYS B 72 -6.86 4.72 17.23
C LYS B 72 -7.95 5.15 16.27
N ASP B 73 -7.71 6.22 15.51
CA ASP B 73 -8.73 6.71 14.60
C ASP B 73 -8.88 5.79 13.40
N PHE B 74 -7.77 5.28 12.89
CA PHE B 74 -7.84 4.22 11.88
C PHE B 74 -8.68 3.05 12.40
N LEU B 75 -8.38 2.59 13.61
CA LEU B 75 -9.10 1.47 14.20
C LEU B 75 -10.60 1.74 14.31
N LYS B 76 -11.00 2.98 14.57
CA LYS B 76 -12.41 3.28 14.66
C LYS B 76 -13.13 2.98 13.37
N ASP B 77 -12.44 3.11 12.23
CA ASP B 77 -13.09 2.87 10.96
C ASP B 77 -13.14 1.40 10.63
N ILE B 78 -12.15 0.62 11.08
CA ILE B 78 -12.29 -0.82 11.05
C ILE B 78 -13.50 -1.22 11.88
N ASP B 79 -13.57 -0.68 13.11
CA ASP B 79 -14.69 -0.96 14.01
C ASP B 79 -16.02 -0.76 13.32
N LEU B 80 -16.10 0.21 12.41
CA LEU B 80 -17.38 0.48 11.74
C LEU B 80 -17.70 -0.62 10.73
N ILE B 81 -16.67 -1.13 10.03
CA ILE B 81 -16.87 -2.21 9.07
C ILE B 81 -17.51 -3.42 9.75
N CYS B 82 -17.07 -3.75 10.96
CA CYS B 82 -17.64 -4.88 11.69
C CYS B 82 -19.02 -4.54 12.24
N SER B 83 -19.19 -3.33 12.79
CA SER B 83 -20.51 -2.89 13.19
C SER B 83 -21.53 -3.06 12.07
N ASN B 84 -21.15 -2.76 10.84
CA ASN B 84 -22.23 -2.70 9.85
C ASN B 84 -22.60 -4.10 9.38
N ALA B 85 -21.59 -4.95 9.20
CA ALA B 85 -21.85 -6.35 8.90
C ALA B 85 -22.73 -7.01 9.95
N LEU B 86 -22.65 -6.56 11.17
CA LEU B 86 -23.47 -7.13 12.21
C LEU B 86 -24.84 -6.46 12.32
N GLU B 87 -24.89 -5.18 12.01
CA GLU B 87 -26.12 -4.45 12.11
C GLU B 87 -26.96 -4.63 10.88
N TYR B 88 -26.38 -5.13 9.81
CA TYR B 88 -27.17 -5.28 8.61
C TYR B 88 -27.51 -6.68 8.28
N ASN B 89 -26.58 -7.59 8.51
CA ASN B 89 -26.87 -8.92 8.14
C ASN B 89 -27.65 -9.61 9.19
N PRO B 90 -28.50 -10.55 8.76
CA PRO B 90 -29.25 -11.50 9.59
C PRO B 90 -28.29 -12.50 10.21
N ASP B 91 -28.75 -13.17 11.24
CA ASP B 91 -27.87 -14.02 12.01
C ASP B 91 -28.42 -15.42 12.05
N LYS B 92 -28.80 -15.95 10.87
CA LYS B 92 -29.43 -17.27 10.89
C LYS B 92 -28.88 -18.17 9.80
N ASP B 93 -28.87 -17.72 8.56
CA ASP B 93 -28.30 -18.52 7.49
C ASP B 93 -26.78 -18.64 7.62
N PRO B 94 -26.22 -19.79 7.24
CA PRO B 94 -24.77 -19.92 7.12
C PRO B 94 -24.16 -18.78 6.34
N GLY B 95 -24.59 -18.59 5.09
CA GLY B 95 -24.14 -17.49 4.26
C GLY B 95 -23.94 -16.20 5.03
N ASP B 96 -24.92 -15.85 5.87
CA ASP B 96 -24.84 -14.63 6.65
C ASP B 96 -23.89 -14.75 7.83
N LYS B 97 -23.88 -15.92 8.50
CA LYS B 97 -22.98 -16.10 9.62
C LYS B 97 -21.53 -16.00 9.18
N ILE B 98 -21.23 -16.42 7.95
CA ILE B 98 -19.87 -16.27 7.43
C ILE B 98 -19.47 -14.81 7.38
N ILE B 99 -20.37 -13.95 6.90
CA ILE B 99 -20.07 -12.52 6.84
C ILE B 99 -19.89 -11.97 8.24
N ARG B 100 -20.83 -12.29 9.13
CA ARG B 100 -20.73 -11.80 10.50
C ARG B 100 -19.45 -12.33 11.17
N HIS B 101 -19.08 -13.57 10.87
CA HIS B 101 -17.83 -14.11 11.39
C HIS B 101 -16.63 -13.33 10.86
N ARG B 102 -16.54 -13.14 9.56
CA ARG B 102 -15.34 -12.55 8.99
C ARG B 102 -15.16 -11.13 9.52
N ALA B 103 -16.24 -10.36 9.58
CA ALA B 103 -16.17 -9.00 10.10
C ALA B 103 -15.62 -8.97 11.51
N CYS B 104 -16.20 -9.76 12.43
CA CYS B 104 -15.58 -9.89 13.75
C CYS B 104 -14.12 -10.31 13.66
N THR B 105 -13.74 -11.01 12.59
CA THR B 105 -12.34 -11.44 12.52
C THR B 105 -11.46 -10.30 12.00
N LEU B 106 -11.90 -9.64 10.93
CA LEU B 106 -11.26 -8.40 10.49
C LEU B 106 -10.86 -7.54 11.68
N LYS B 107 -11.86 -7.15 12.48
CA LYS B 107 -11.60 -6.29 13.63
C LYS B 107 -10.55 -6.90 14.55
N ASP B 108 -10.73 -8.15 14.93
CA ASP B 108 -9.81 -8.67 15.93
C ASP B 108 -8.41 -8.78 15.37
N THR B 109 -8.29 -9.03 14.06
CA THR B 109 -6.97 -9.06 13.43
C THR B 109 -6.31 -7.69 13.45
N ALA B 110 -7.03 -6.67 12.99
CA ALA B 110 -6.48 -5.31 12.98
C ALA B 110 -6.05 -4.86 14.38
N HIS B 111 -6.97 -4.87 15.34
CA HIS B 111 -6.61 -4.46 16.69
C HIS B 111 -5.36 -5.20 17.17
N ALA B 112 -5.22 -6.47 16.81
CA ALA B 112 -4.09 -7.26 17.30
C ALA B 112 -2.78 -6.83 16.66
N ILE B 113 -2.81 -6.47 15.38
CA ILE B 113 -1.63 -5.92 14.73
C ILE B 113 -1.22 -4.63 15.44
N ILE B 114 -2.13 -3.65 15.44
CA ILE B 114 -1.90 -2.40 16.16
C ILE B 114 -1.37 -2.66 17.56
N ALA B 115 -2.07 -3.53 18.29
CA ALA B 115 -1.65 -3.93 19.62
C ALA B 115 -0.18 -4.35 19.65
N ALA B 116 0.26 -5.09 18.65
CA ALA B 116 1.56 -5.75 18.75
C ALA B 116 2.69 -4.88 18.21
N GLU B 117 2.52 -4.34 17.01
CA GLU B 117 3.61 -3.72 16.28
C GLU B 117 3.80 -2.25 16.61
N LEU B 118 2.92 -1.63 17.35
CA LEU B 118 2.94 -0.18 17.47
C LEU B 118 3.51 0.20 18.83
N ASP B 119 4.56 1.00 18.79
CA ASP B 119 5.24 1.40 20.01
C ASP B 119 4.27 2.16 20.89
N PRO B 120 4.06 1.75 22.11
CA PRO B 120 3.19 2.50 23.02
C PRO B 120 3.57 3.97 23.05
N GLU B 121 4.86 4.23 23.32
CA GLU B 121 5.37 5.60 23.32
C GLU B 121 5.04 6.32 22.02
N PHE B 122 5.27 5.65 20.89
CA PHE B 122 5.01 6.28 19.60
C PHE B 122 3.56 6.68 19.45
N ASN B 123 2.66 5.91 20.04
CA ASN B 123 1.24 6.22 19.88
C ASN B 123 0.88 7.47 20.65
N LYS B 124 1.23 7.52 21.94
CA LYS B 124 0.94 8.67 22.77
C LYS B 124 1.39 9.97 22.12
N LEU B 125 2.55 9.95 21.45
CA LEU B 125 2.97 11.12 20.68
C LEU B 125 1.95 11.48 19.61
N CYS B 126 1.46 10.49 18.85
CA CYS B 126 0.45 10.77 17.85
C CYS B 126 -0.73 11.51 18.46
N GLU B 127 -1.19 11.02 19.61
CA GLU B 127 -2.31 11.65 20.28
C GLU B 127 -1.99 13.09 20.66
N GLU B 128 -0.72 13.40 21.00
CA GLU B 128 -0.35 14.78 21.28
C GLU B 128 -0.48 15.66 20.05
N ILE B 129 -0.19 15.11 18.87
CA ILE B 129 -0.23 15.90 17.65
C ILE B 129 -1.66 16.14 17.18
N LYS B 130 -2.55 15.14 17.28
CA LYS B 130 -3.95 15.43 17.00
C LYS B 130 -4.47 16.48 17.97
N GLU B 131 -4.18 16.29 19.26
CA GLU B 131 -4.61 17.23 20.30
C GLU B 131 -4.05 18.62 20.04
N ALA B 132 -2.89 18.70 19.39
CA ALA B 132 -2.27 19.99 19.11
C ALA B 132 -3.04 20.76 18.05
N ARG B 133 -3.42 20.08 16.96
CA ARG B 133 -3.99 20.78 15.81
C ARG B 133 -5.44 21.18 16.05
N ILE B 134 -6.29 20.22 16.41
CA ILE B 134 -7.68 20.53 16.73
C ILE B 134 -7.71 21.30 18.06
N LYS B 135 -6.84 22.32 18.18
CA LYS B 135 -6.82 23.19 19.35
C LYS B 135 -6.15 24.54 19.06
N ARG B 136 -5.04 24.57 18.31
CA ARG B 136 -4.32 25.83 18.13
C ARG B 136 -4.79 26.60 16.88
N CYS C 1 26.27 -15.21 -13.55
CA CYS C 1 25.16 -16.13 -13.36
C CYS C 1 25.22 -16.81 -12.00
N GLY C 2 24.06 -17.15 -11.46
CA GLY C 2 23.98 -17.80 -10.16
C GLY C 2 23.57 -19.23 -10.35
N ARG C 3 23.53 -20.03 -9.29
CA ARG C 3 23.17 -21.42 -9.49
C ARG C 3 21.81 -21.68 -10.11
N GLY C 4 20.89 -20.77 -9.91
CA GLY C 4 19.53 -20.90 -10.41
C GLY C 4 18.56 -20.86 -9.22
OH ALY C 5 15.71 -13.67 -9.22
CH ALY C 5 14.71 -14.11 -8.69
CH3 ALY C 5 13.40 -13.37 -8.73
NZ ALY C 5 14.70 -15.26 -8.04
CE ALY C 5 15.78 -16.22 -8.18
CD ALY C 5 15.33 -17.64 -7.89
CG ALY C 5 15.22 -18.46 -9.18
CB ALY C 5 14.99 -19.94 -8.87
CA ALY C 5 16.26 -20.61 -8.38
N ALY C 5 17.26 -20.66 -9.46
C ALY C 5 15.97 -22.03 -7.97
O ALY C 5 16.41 -22.49 -6.89
N GLY C 6 15.23 -22.73 -8.83
CA GLY C 6 14.95 -24.15 -8.73
C GLY C 6 16.22 -24.91 -9.05
N GLY C 7 16.39 -26.10 -8.48
CA GLY C 7 17.63 -26.84 -8.62
C GLY C 7 17.44 -28.32 -8.87
N CYS D 1 -32.79 -5.14 10.76
CA CYS D 1 -31.81 -5.38 9.73
C CYS D 1 -32.42 -5.50 8.35
N GLY D 2 -31.55 -5.67 7.39
CA GLY D 2 -31.83 -5.91 6.00
C GLY D 2 -32.10 -7.38 5.73
N ARG D 3 -32.27 -7.69 4.45
CA ARG D 3 -32.63 -9.05 4.03
C ARG D 3 -31.42 -9.93 3.80
N GLY D 4 -30.26 -9.35 3.89
CA GLY D 4 -29.05 -10.10 3.71
C GLY D 4 -28.69 -10.17 2.28
OH ALY D 5 -22.60 -6.32 4.28
CH ALY D 5 -22.03 -7.01 3.51
CH3 ALY D 5 -20.55 -7.03 3.49
NZ ALY D 5 -22.62 -7.80 2.65
CE ALY D 5 -24.02 -7.74 2.40
CD ALY D 5 -24.61 -9.14 2.31
CG ALY D 5 -25.62 -9.26 1.19
CB ALY D 5 -25.76 -10.70 0.75
CA ALY D 5 -27.21 -11.08 0.69
N ALY D 5 -27.64 -10.92 2.02
C ALY D 5 -27.44 -12.53 0.45
O ALY D 5 -26.97 -13.35 1.24
N GLY D 6 -28.16 -12.90 -0.59
CA GLY D 6 -28.40 -14.29 -0.81
C GLY D 6 -29.72 -14.58 -1.49
N GLY D 7 -30.49 -13.53 -1.74
CA GLY D 7 -31.77 -13.65 -2.43
C GLY D 7 -32.83 -14.48 -1.75
S SO4 E . 1.71 10.80 1.58
O1 SO4 E . 1.94 12.20 1.94
O2 SO4 E . 0.33 10.40 1.90
O3 SO4 E . 1.81 10.63 0.12
O4 SO4 E . 2.72 10.03 2.31
#